data_4CGA
#
_entry.id   4CGA
#
_cell.length_a   61.512
_cell.length_b   61.512
_cell.length_c   220.597
_cell.angle_alpha   90.00
_cell.angle_beta   90.00
_cell.angle_gamma   90.00
#
_symmetry.space_group_name_H-M   'P 43 21 2'
#
loop_
_entity.id
_entity.type
_entity.pdbx_description
1 polymer 'CHOLINE KINASE ALPHA'
2 non-polymer N,N-dimethyl-1-[[4-(2-phenylethyl)phenyl]methyl]pyridin-1-ium-4-amine
3 water water
#
_entity_poly.entity_id   1
_entity_poly.type   'polypeptide(L)'
_entity_poly.pdbx_seq_one_letter_code
;PQPPADEQPEPRTRRRAYLWCKEFLPGAWRGLREDEFHISVIRGGLSNMLFQCSLPDTTATLGDEPRKVLLRLYGAILQM
RSCNKEGSEQAQKENEFQGAEAMVLESVMFAILAERSLGPKLYGIFPQGRLEQFIPSRRLDTEELSLPDISAEIAEKMAT
FHGMKMPFNKEPKWLFGTMEKYLKEVLRIKFTEESRIKKLHKLLSYNLPLELENLRSLLESTPSPVVFCHNDCQEGNILL
LEGRENSEKQKLMLIDFEYSSYNYRGFDIGNHFCEWMYDYSYEKYPFFRANIRKYPTKKQQLHFISSYLPAFQNDFENLS
TEEKSIIKEEMLLEVNRFALASHFLWGLWSIVQAKISSIEFGYMDYAQARFDAYFHQKRKLGV
;
_entity_poly.pdbx_strand_id   A
#
# COMPACT_ATOMS: atom_id res chain seq x y z
N ASP A 6 0.44 -25.12 10.21
CA ASP A 6 0.78 -25.38 8.78
C ASP A 6 -0.48 -25.80 7.99
N GLU A 7 -1.33 -24.81 7.71
CA GLU A 7 -2.65 -25.03 7.14
C GLU A 7 -2.64 -25.57 5.70
N GLN A 8 -3.41 -26.63 5.47
CA GLN A 8 -3.58 -27.22 4.14
C GLN A 8 -4.83 -26.69 3.43
N PRO A 9 -4.73 -26.41 2.11
CA PRO A 9 -5.88 -25.93 1.35
C PRO A 9 -6.89 -27.05 1.09
N GLU A 10 -8.05 -26.70 0.53
CA GLU A 10 -9.06 -27.70 0.15
C GLU A 10 -8.49 -28.56 -0.96
N PRO A 11 -8.85 -29.85 -0.97
CA PRO A 11 -8.39 -30.75 -2.02
C PRO A 11 -8.55 -30.17 -3.43
N ARG A 12 -9.64 -29.43 -3.66
CA ARG A 12 -9.88 -28.81 -4.96
C ARG A 12 -8.79 -27.78 -5.29
N THR A 13 -8.43 -26.97 -4.30
CA THR A 13 -7.43 -25.92 -4.45
C THR A 13 -6.04 -26.53 -4.61
N ARG A 14 -5.75 -27.58 -3.83
CA ARG A 14 -4.50 -28.28 -3.96
C ARG A 14 -4.28 -28.78 -5.40
N ARG A 15 -5.30 -29.41 -5.97
CA ARG A 15 -5.18 -29.95 -7.32
C ARG A 15 -4.99 -28.85 -8.36
N ARG A 16 -5.72 -27.75 -8.21
CA ARG A 16 -5.61 -26.63 -9.17
C ARG A 16 -4.21 -26.01 -9.10
N ALA A 17 -3.71 -25.86 -7.87
CA ALA A 17 -2.37 -25.30 -7.62
C ALA A 17 -1.27 -26.20 -8.20
N TYR A 18 -1.41 -27.51 -7.97
CA TYR A 18 -0.51 -28.48 -8.58
C TYR A 18 -0.43 -28.30 -10.11
N LEU A 19 -1.61 -28.20 -10.74
CA LEU A 19 -1.70 -28.07 -12.19
C LEU A 19 -1.09 -26.76 -12.70
N TRP A 20 -1.36 -25.66 -12.00
CA TRP A 20 -0.75 -24.37 -12.37
C TRP A 20 0.75 -24.42 -12.28
N CYS A 21 1.28 -24.98 -11.19
CA CYS A 21 2.72 -25.06 -11.03
C CYS A 21 3.37 -25.96 -12.07
N LYS A 22 2.76 -27.12 -12.31
CA LYS A 22 3.30 -28.11 -13.23
C LYS A 22 3.34 -27.58 -14.67
N GLU A 23 2.36 -26.74 -15.02
CA GLU A 23 2.27 -26.27 -16.39
C GLU A 23 2.98 -24.92 -16.65
N PHE A 24 3.04 -24.05 -15.66
CA PHE A 24 3.66 -22.72 -15.82
C PHE A 24 5.13 -22.66 -15.42
N LEU A 25 5.59 -23.60 -14.61
CA LEU A 25 6.98 -23.54 -14.13
C LEU A 25 7.86 -24.58 -14.84
N PRO A 26 9.12 -24.20 -15.16
CA PRO A 26 10.01 -25.10 -15.91
C PRO A 26 10.81 -26.09 -15.04
N GLY A 27 11.58 -26.97 -15.69
CA GLY A 27 12.46 -27.94 -15.00
C GLY A 27 11.76 -29.02 -14.20
N ALA A 28 12.15 -29.14 -12.93
CA ALA A 28 11.69 -30.22 -12.08
C ALA A 28 10.17 -30.17 -11.85
N TRP A 29 9.59 -28.98 -11.97
CA TRP A 29 8.14 -28.81 -11.87
C TRP A 29 7.34 -29.57 -12.88
N ARG A 30 7.85 -29.63 -14.11
CA ARG A 30 7.11 -30.17 -15.26
C ARG A 30 6.86 -31.67 -15.09
N GLY A 31 7.77 -32.38 -14.42
CA GLY A 31 7.63 -33.82 -14.21
C GLY A 31 7.15 -34.21 -12.83
N LEU A 32 6.74 -33.22 -12.04
CA LEU A 32 6.36 -33.43 -10.66
C LEU A 32 5.09 -34.26 -10.52
N ARG A 33 5.09 -35.20 -9.58
CA ARG A 33 3.90 -35.99 -9.27
C ARG A 33 3.04 -35.28 -8.22
N GLU A 34 1.74 -35.43 -8.32
CA GLU A 34 0.82 -34.80 -7.37
C GLU A 34 1.14 -35.16 -5.93
N ASP A 35 1.50 -36.43 -5.67
CA ASP A 35 1.79 -36.85 -4.30
C ASP A 35 3.12 -36.31 -3.75
N GLU A 36 3.87 -35.60 -4.60
CA GLU A 36 5.14 -34.96 -4.22
C GLU A 36 4.97 -33.45 -3.99
N PHE A 37 3.82 -32.91 -4.40
CA PHE A 37 3.57 -31.47 -4.41
C PHE A 37 3.31 -31.01 -2.98
N HIS A 38 4.00 -29.94 -2.57
CA HIS A 38 3.77 -29.31 -1.26
C HIS A 38 3.15 -27.95 -1.40
N ILE A 39 2.12 -27.72 -0.59
CA ILE A 39 1.40 -26.44 -0.56
C ILE A 39 0.89 -26.16 0.85
N SER A 40 1.00 -24.91 1.27
CA SER A 40 0.37 -24.51 2.52
C SER A 40 -0.23 -23.13 2.37
N VAL A 41 -1.24 -22.87 3.18
CA VAL A 41 -1.92 -21.58 3.21
C VAL A 41 -1.02 -20.56 3.91
N ILE A 42 -0.75 -19.44 3.26
CA ILE A 42 -0.05 -18.31 3.90
C ILE A 42 -1.08 -17.33 4.44
N ARG A 43 -2.03 -16.97 3.60
CA ARG A 43 -3.10 -16.07 3.97
C ARG A 43 -4.41 -16.54 3.39
N GLY A 44 -5.41 -16.69 4.26
CA GLY A 44 -6.74 -17.09 3.84
C GLY A 44 -7.59 -15.86 3.54
N GLY A 45 -8.90 -16.04 3.56
CA GLY A 45 -9.83 -14.96 3.27
C GLY A 45 -10.69 -15.27 2.07
N LEU A 46 -11.38 -14.24 1.58
CA LEU A 46 -12.33 -14.37 0.48
C LEU A 46 -11.72 -13.93 -0.86
N SER A 47 -10.74 -13.04 -0.78
CA SER A 47 -10.04 -12.55 -1.96
C SER A 47 -8.53 -12.44 -1.68
N ASN A 48 -7.73 -12.55 -2.74
CA ASN A 48 -6.27 -12.60 -2.62
C ASN A 48 -5.78 -13.57 -1.56
N MET A 49 -6.27 -14.81 -1.64
CA MET A 49 -5.74 -15.90 -0.83
C MET A 49 -4.34 -16.21 -1.33
N LEU A 50 -3.43 -16.45 -0.39
CA LEU A 50 -2.02 -16.67 -0.69
C LEU A 50 -1.57 -18.03 -0.21
N PHE A 51 -0.80 -18.70 -1.06
CA PHE A 51 -0.29 -20.04 -0.74
C PHE A 51 1.17 -20.09 -1.10
N GLN A 52 1.91 -20.88 -0.32
CA GLN A 52 3.29 -21.22 -0.63
C GLN A 52 3.29 -22.59 -1.30
N CYS A 53 3.96 -22.70 -2.45
CA CYS A 53 4.07 -23.94 -3.19
C CYS A 53 5.53 -24.32 -3.37
N SER A 54 5.87 -25.60 -3.17
CA SER A 54 7.28 -25.98 -3.21
C SER A 54 7.51 -27.40 -3.69
N LEU A 55 8.69 -27.60 -4.27
CA LEU A 55 9.16 -28.93 -4.58
C LEU A 55 9.46 -29.70 -3.28
N PRO A 56 9.45 -31.04 -3.34
CA PRO A 56 10.02 -31.86 -2.26
C PRO A 56 11.48 -31.52 -2.07
N ASP A 57 11.93 -31.54 -0.81
CA ASP A 57 13.34 -31.39 -0.48
C ASP A 57 14.23 -32.40 -1.19
N THR A 58 13.65 -33.55 -1.53
CA THR A 58 14.41 -34.62 -2.19
C THR A 58 14.45 -34.52 -3.72
N THR A 59 13.81 -33.49 -4.27
CA THR A 59 13.85 -33.21 -5.71
C THR A 59 14.85 -32.09 -6.04
N ALA A 60 15.86 -32.42 -6.85
CA ALA A 60 16.83 -31.41 -7.30
C ALA A 60 16.26 -30.59 -8.43
N THR A 61 16.62 -29.32 -8.49
CA THR A 61 16.29 -28.52 -9.65
C THR A 61 17.16 -28.89 -10.84
N LEU A 62 16.60 -28.75 -12.04
CA LEU A 62 17.29 -29.10 -13.28
C LEU A 62 18.05 -27.91 -13.85
N GLY A 63 17.56 -26.71 -13.58
CA GLY A 63 18.19 -25.48 -14.05
C GLY A 63 18.01 -24.39 -13.02
N ASP A 64 17.56 -23.23 -13.45
CA ASP A 64 17.39 -22.13 -12.50
C ASP A 64 15.93 -21.83 -12.11
N GLU A 65 15.09 -22.86 -12.20
CA GLU A 65 13.70 -22.77 -11.75
C GLU A 65 13.67 -22.58 -10.24
N PRO A 66 12.69 -21.81 -9.74
CA PRO A 66 12.56 -21.61 -8.29
C PRO A 66 12.15 -22.92 -7.60
N ARG A 67 12.60 -23.10 -6.37
CA ARG A 67 12.22 -24.28 -5.59
C ARG A 67 10.90 -24.04 -4.87
N LYS A 68 10.58 -22.77 -4.65
CA LYS A 68 9.39 -22.37 -3.93
C LYS A 68 8.83 -21.15 -4.63
N VAL A 69 7.50 -21.08 -4.72
CA VAL A 69 6.79 -19.93 -5.32
C VAL A 69 5.57 -19.52 -4.48
N LEU A 70 5.04 -18.33 -4.74
CA LEU A 70 3.79 -17.86 -4.10
C LEU A 70 2.68 -17.94 -5.11
N LEU A 71 1.56 -18.55 -4.70
CA LEU A 71 0.35 -18.56 -5.52
C LEU A 71 -0.62 -17.55 -4.92
N ARG A 72 -1.06 -16.59 -5.72
CA ARG A 72 -2.12 -15.65 -5.35
C ARG A 72 -3.41 -16.00 -6.11
N LEU A 73 -4.51 -16.24 -5.39
CA LEU A 73 -5.81 -16.46 -6.03
C LEU A 73 -6.69 -15.24 -5.79
N TYR A 74 -7.26 -14.68 -6.85
CA TYR A 74 -8.07 -13.47 -6.73
C TYR A 74 -9.35 -13.72 -5.91
N GLY A 75 -9.98 -14.88 -6.10
CA GLY A 75 -11.20 -15.21 -5.34
C GLY A 75 -12.46 -14.65 -5.94
N ALA A 76 -13.32 -14.07 -5.10
CA ALA A 76 -14.61 -13.54 -5.58
C ALA A 76 -14.73 -12.05 -5.33
N GLU A 101 -11.02 -4.18 -17.37
CA GLU A 101 -9.90 -3.28 -17.55
C GLU A 101 -8.94 -3.31 -16.34
N ALA A 102 -9.52 -3.37 -15.14
CA ALA A 102 -8.73 -3.42 -13.91
C ALA A 102 -7.73 -4.58 -13.92
N MET A 103 -8.18 -5.75 -14.37
CA MET A 103 -7.31 -6.91 -14.50
C MET A 103 -6.12 -6.66 -15.45
N VAL A 104 -6.41 -6.10 -16.62
CA VAL A 104 -5.38 -5.81 -17.63
C VAL A 104 -4.33 -4.86 -17.04
N LEU A 105 -4.79 -3.74 -16.49
CA LEU A 105 -3.88 -2.73 -15.91
C LEU A 105 -3.03 -3.29 -14.76
N GLU A 106 -3.65 -4.06 -13.87
CA GLU A 106 -2.92 -4.59 -12.72
C GLU A 106 -1.84 -5.60 -13.17
N SER A 107 -2.20 -6.43 -14.14
CA SER A 107 -1.29 -7.46 -14.64
C SER A 107 -0.11 -6.87 -15.41
N VAL A 108 -0.39 -5.90 -16.25
CA VAL A 108 0.68 -5.16 -16.96
C VAL A 108 1.62 -4.45 -15.96
N MET A 109 1.05 -3.73 -14.99
CA MET A 109 1.87 -3.06 -14.00
C MET A 109 2.79 -4.06 -13.25
N PHE A 110 2.20 -5.16 -12.77
CA PHE A 110 2.98 -6.17 -12.06
C PHE A 110 4.11 -6.73 -12.92
N ALA A 111 3.81 -7.02 -14.19
CA ALA A 111 4.80 -7.57 -15.11
C ALA A 111 5.93 -6.56 -15.31
N ILE A 112 5.57 -5.30 -15.50
CA ILE A 112 6.57 -4.24 -15.69
C ILE A 112 7.45 -4.07 -14.43
N LEU A 113 6.84 -4.00 -13.26
CA LEU A 113 7.67 -3.85 -12.03
C LEU A 113 8.63 -5.04 -11.80
N ALA A 114 8.18 -6.24 -12.19
CA ALA A 114 9.02 -7.44 -12.10
C ALA A 114 10.24 -7.35 -13.04
N GLU A 115 9.99 -6.92 -14.27
CA GLU A 115 11.06 -6.73 -15.27
C GLU A 115 12.12 -5.77 -14.79
N ARG A 116 11.68 -4.74 -14.07
CA ARG A 116 12.56 -3.65 -13.61
C ARG A 116 13.21 -3.97 -12.25
N SER A 117 12.99 -5.17 -11.74
CA SER A 117 13.47 -5.60 -10.42
C SER A 117 12.88 -4.78 -9.25
N LEU A 118 11.68 -4.23 -9.43
CA LEU A 118 11.05 -3.42 -8.40
C LEU A 118 9.92 -4.15 -7.68
N GLY A 119 9.61 -5.34 -8.13
CA GLY A 119 8.70 -6.19 -7.38
C GLY A 119 9.11 -7.63 -7.56
N PRO A 120 8.33 -8.56 -6.99
CA PRO A 120 8.62 -9.99 -7.12
C PRO A 120 8.52 -10.39 -8.59
N LYS A 121 9.33 -11.37 -9.02
CA LYS A 121 9.20 -11.91 -10.37
C LYS A 121 7.80 -12.50 -10.62
N LEU A 122 7.38 -12.46 -11.88
CA LEU A 122 6.09 -13.01 -12.29
C LEU A 122 6.36 -14.29 -13.07
N TYR A 123 5.96 -15.43 -12.50
CA TYR A 123 6.17 -16.73 -13.17
C TYR A 123 5.00 -17.23 -14.02
N GLY A 124 3.79 -16.82 -13.65
CA GLY A 124 2.60 -17.26 -14.39
C GLY A 124 1.39 -16.39 -14.15
N ILE A 125 0.60 -16.23 -15.20
CA ILE A 125 -0.64 -15.46 -15.10
C ILE A 125 -1.78 -16.25 -15.75
N PHE A 126 -2.93 -16.25 -15.09
CA PHE A 126 -4.11 -17.05 -15.49
C PHE A 126 -5.39 -16.38 -14.95
N PRO A 127 -6.58 -16.74 -15.49
CA PRO A 127 -7.76 -15.98 -15.06
C PRO A 127 -7.96 -15.94 -13.54
N GLN A 128 -7.56 -17.01 -12.84
CA GLN A 128 -7.86 -17.15 -11.42
C GLN A 128 -6.80 -16.56 -10.49
N GLY A 129 -5.63 -16.22 -11.04
CA GLY A 129 -4.54 -15.76 -10.17
C GLY A 129 -3.18 -15.65 -10.84
N ARG A 130 -2.14 -15.67 -10.01
CA ARG A 130 -0.77 -15.41 -10.45
C ARG A 130 0.18 -16.33 -9.69
N LEU A 131 1.26 -16.74 -10.35
CA LEU A 131 2.38 -17.38 -9.66
C LEU A 131 3.49 -16.35 -9.59
N GLU A 132 3.93 -16.04 -8.36
CA GLU A 132 4.94 -15.01 -8.11
C GLU A 132 6.17 -15.56 -7.40
N GLN A 133 7.27 -14.81 -7.48
CA GLN A 133 8.48 -15.15 -6.73
C GLN A 133 8.16 -15.13 -5.24
N PHE A 134 8.67 -16.14 -4.50
CA PHE A 134 8.51 -16.17 -3.05
C PHE A 134 9.68 -15.42 -2.40
N ILE A 135 9.37 -14.41 -1.58
CA ILE A 135 10.42 -13.57 -0.97
C ILE A 135 10.45 -13.80 0.53
N PRO A 136 11.44 -14.56 1.01
CA PRO A 136 11.50 -14.79 2.45
C PRO A 136 11.62 -13.44 3.17
N SER A 137 10.73 -13.20 4.12
CA SER A 137 10.53 -11.87 4.71
C SER A 137 9.46 -11.90 5.79
N ARG A 138 9.34 -10.80 6.53
CA ARG A 138 8.13 -10.50 7.30
C ARG A 138 7.70 -9.07 6.98
N ARG A 139 6.47 -8.71 7.33
CA ARG A 139 6.04 -7.31 7.15
C ARG A 139 6.57 -6.48 8.30
N LEU A 140 6.77 -5.19 8.03
CA LEU A 140 7.06 -4.25 9.12
C LEU A 140 5.84 -4.07 10.03
N ASP A 141 6.13 -3.75 11.28
CA ASP A 141 5.14 -3.31 12.26
C ASP A 141 5.11 -1.79 12.25
N THR A 142 4.01 -1.23 12.74
CA THR A 142 3.80 0.23 12.77
C THR A 142 4.95 0.98 13.44
N GLU A 143 5.42 0.48 14.60
CA GLU A 143 6.49 1.19 15.32
C GLU A 143 7.82 1.24 14.57
N GLU A 144 8.04 0.28 13.69
CA GLU A 144 9.30 0.21 12.92
C GLU A 144 9.42 1.31 11.86
N LEU A 145 8.28 1.90 11.47
CA LEU A 145 8.26 2.99 10.47
C LEU A 145 9.08 4.21 10.89
N SER A 146 9.21 4.42 12.19
CA SER A 146 9.97 5.57 12.73
C SER A 146 11.46 5.32 12.96
N LEU A 147 11.94 4.11 12.73
CA LEU A 147 13.38 3.89 12.88
C LEU A 147 14.10 4.66 11.77
N PRO A 148 15.17 5.41 12.12
CA PRO A 148 15.75 6.31 11.11
C PRO A 148 16.21 5.60 9.83
N ASP A 149 16.87 4.45 9.97
CA ASP A 149 17.31 3.67 8.81
C ASP A 149 16.17 3.08 7.97
N ILE A 150 15.09 2.67 8.63
CA ILE A 150 13.89 2.16 7.94
C ILE A 150 13.26 3.30 7.15
N SER A 151 13.03 4.43 7.83
CA SER A 151 12.39 5.57 7.19
C SER A 151 13.19 6.09 6.00
N ALA A 152 14.51 6.16 6.17
CA ALA A 152 15.41 6.54 5.08
C ALA A 152 15.25 5.60 3.86
N GLU A 153 15.17 4.29 4.10
CA GLU A 153 15.06 3.36 2.97
C GLU A 153 13.68 3.47 2.32
N ILE A 154 12.65 3.65 3.12
CA ILE A 154 11.30 3.79 2.54
C ILE A 154 11.27 5.00 1.58
N ALA A 155 11.84 6.10 2.03
CA ALA A 155 11.98 7.31 1.21
C ALA A 155 12.69 7.04 -0.11
N GLU A 156 13.82 6.33 -0.04
CA GLU A 156 14.57 5.99 -1.25
C GLU A 156 13.74 5.09 -2.18
N LYS A 157 13.05 4.10 -1.60
CA LYS A 157 12.23 3.17 -2.38
C LYS A 157 11.06 3.91 -3.08
N MET A 158 10.40 4.81 -2.34
CA MET A 158 9.30 5.61 -2.90
C MET A 158 9.79 6.57 -4.01
N ALA A 159 10.92 7.23 -3.78
CA ALA A 159 11.53 8.09 -4.80
C ALA A 159 11.81 7.29 -6.08
N THR A 160 12.29 6.06 -5.91
CA THR A 160 12.53 5.14 -7.04
C THR A 160 11.24 4.80 -7.79
N PHE A 161 10.21 4.42 -7.03
CA PHE A 161 8.88 4.06 -7.56
C PHE A 161 8.33 5.27 -8.35
N HIS A 162 8.48 6.49 -7.80
CA HIS A 162 8.02 7.74 -8.44
C HIS A 162 8.70 8.11 -9.73
N GLY A 163 9.86 7.53 -9.98
CA GLY A 163 10.53 7.70 -11.27
C GLY A 163 10.06 6.73 -12.35
N MET A 164 9.17 5.79 -12.02
CA MET A 164 8.72 4.80 -13.02
C MET A 164 7.91 5.51 -14.10
N LYS A 165 8.26 5.28 -15.37
CA LYS A 165 7.34 5.63 -16.45
C LYS A 165 6.47 4.42 -16.66
N MET A 166 5.15 4.63 -16.72
CA MET A 166 4.18 3.52 -16.80
C MET A 166 3.11 3.86 -17.83
N PRO A 167 2.60 2.85 -18.57
CA PRO A 167 1.72 3.11 -19.72
C PRO A 167 0.25 3.41 -19.34
N PHE A 168 0.07 4.26 -18.34
CA PHE A 168 -1.24 4.53 -17.74
C PHE A 168 -1.55 6.03 -17.85
N ASN A 169 -2.84 6.36 -17.73
CA ASN A 169 -3.29 7.76 -17.80
C ASN A 169 -2.51 8.64 -16.83
N LYS A 170 -1.93 9.73 -17.34
CA LYS A 170 -1.10 10.59 -16.51
C LYS A 170 -1.83 11.82 -15.95
N GLU A 171 -3.10 11.97 -16.30
CA GLU A 171 -3.91 13.04 -15.73
C GLU A 171 -4.20 12.67 -14.28
N PRO A 172 -3.92 13.60 -13.34
CA PRO A 172 -4.04 13.31 -11.90
C PRO A 172 -5.48 13.39 -11.39
N LYS A 173 -6.39 12.72 -12.08
CA LYS A 173 -7.79 12.75 -11.68
C LYS A 173 -8.12 11.74 -10.57
N TRP A 174 -7.18 10.85 -10.26
CA TRP A 174 -7.39 9.77 -9.29
C TRP A 174 -7.84 10.26 -7.92
N LEU A 175 -7.13 11.25 -7.37
CA LEU A 175 -7.37 11.66 -5.97
C LEU A 175 -8.80 12.18 -5.79
N PHE A 176 -9.13 13.28 -6.45
CA PHE A 176 -10.48 13.85 -6.26
C PHE A 176 -11.55 13.07 -6.99
N GLY A 177 -11.19 12.38 -8.07
CA GLY A 177 -12.10 11.46 -8.73
C GLY A 177 -12.62 10.39 -7.77
N THR A 178 -11.69 9.78 -7.05
CA THR A 178 -12.02 8.73 -6.08
C THR A 178 -12.78 9.31 -4.87
N MET A 179 -12.35 10.47 -4.38
CA MET A 179 -13.04 11.10 -3.24
C MET A 179 -14.49 11.46 -3.59
N GLU A 180 -14.70 12.00 -4.79
CA GLU A 180 -16.05 12.35 -5.25
C GLU A 180 -16.94 11.11 -5.33
N LYS A 181 -16.39 10.05 -5.92
CA LYS A 181 -17.07 8.76 -6.04
C LYS A 181 -17.52 8.24 -4.69
N TYR A 182 -16.58 8.19 -3.74
CA TYR A 182 -16.85 7.70 -2.41
C TYR A 182 -17.87 8.59 -1.68
N LEU A 183 -17.73 9.91 -1.81
CA LEU A 183 -18.65 10.82 -1.14
C LEU A 183 -20.10 10.59 -1.58
N LYS A 184 -20.28 10.42 -2.90
CA LYS A 184 -21.59 10.16 -3.49
C LYS A 184 -22.19 8.88 -2.90
N GLU A 185 -21.39 7.81 -2.85
CA GLU A 185 -21.81 6.55 -2.26
C GLU A 185 -22.19 6.74 -0.78
N VAL A 186 -21.33 7.42 -0.02
CA VAL A 186 -21.54 7.62 1.42
C VAL A 186 -22.84 8.36 1.74
N LEU A 187 -23.15 9.41 0.97
CA LEU A 187 -24.35 10.22 1.25
C LEU A 187 -25.64 9.41 1.20
N ARG A 188 -25.64 8.38 0.36
CA ARG A 188 -26.82 7.55 0.06
C ARG A 188 -26.92 6.26 0.86
N ILE A 189 -25.98 6.02 1.76
CA ILE A 189 -26.01 4.81 2.59
C ILE A 189 -27.18 4.86 3.54
N LYS A 190 -27.96 3.78 3.54
CA LYS A 190 -29.04 3.57 4.48
C LYS A 190 -28.70 2.34 5.35
N PHE A 191 -28.04 2.56 6.49
CA PHE A 191 -27.78 1.48 7.44
C PHE A 191 -29.10 1.05 8.12
N THR A 192 -29.14 -0.19 8.61
CA THR A 192 -30.28 -0.65 9.39
C THR A 192 -29.88 -0.83 10.86
N GLU A 193 -28.59 -0.93 11.11
CA GLU A 193 -28.08 -1.16 12.46
C GLU A 193 -27.88 0.18 13.17
N GLU A 194 -28.37 0.25 14.42
CA GLU A 194 -28.49 1.50 15.19
C GLU A 194 -27.18 2.27 15.34
N SER A 195 -26.12 1.60 15.79
CA SER A 195 -24.85 2.29 16.05
C SER A 195 -24.23 2.88 14.77
N ARG A 196 -24.35 2.14 13.66
CA ARG A 196 -23.89 2.59 12.34
C ARG A 196 -24.70 3.78 11.82
N ILE A 197 -26.02 3.77 12.05
CA ILE A 197 -26.88 4.91 11.67
C ILE A 197 -26.41 6.18 12.40
N LYS A 198 -26.13 6.05 13.69
CA LYS A 198 -25.72 7.16 14.54
C LYS A 198 -24.36 7.72 14.15
N LYS A 199 -23.37 6.83 14.02
CA LYS A 199 -22.01 7.23 13.63
C LYS A 199 -21.99 7.88 12.27
N LEU A 200 -22.81 7.39 11.35
CA LEU A 200 -22.91 8.01 10.02
C LEU A 200 -23.48 9.43 10.08
N HIS A 201 -24.57 9.61 10.84
CA HIS A 201 -25.14 10.95 11.01
C HIS A 201 -24.13 11.98 11.51
N LYS A 202 -23.32 11.60 12.50
CA LYS A 202 -22.25 12.47 13.01
C LYS A 202 -21.21 12.79 11.92
N LEU A 203 -20.79 11.79 11.16
CA LEU A 203 -19.79 11.99 10.10
C LEU A 203 -20.31 12.92 8.98
N LEU A 204 -21.60 12.83 8.67
CA LEU A 204 -22.17 13.64 7.61
C LEU A 204 -22.56 15.03 8.09
N SER A 205 -22.56 15.23 9.41
CA SER A 205 -22.93 16.51 9.98
C SER A 205 -21.92 17.62 9.66
N TYR A 206 -20.70 17.24 9.26
CA TYR A 206 -19.67 18.23 8.96
C TYR A 206 -19.90 19.04 7.68
N ASN A 207 -20.88 18.63 6.87
CA ASN A 207 -21.03 19.15 5.50
C ASN A 207 -19.81 18.76 4.66
N LEU A 208 -19.79 17.48 4.27
CA LEU A 208 -18.66 16.93 3.53
C LEU A 208 -18.50 17.46 2.07
N PRO A 209 -19.62 17.73 1.35
CA PRO A 209 -19.40 18.35 0.03
C PRO A 209 -18.61 19.66 0.11
N LEU A 210 -18.96 20.53 1.05
CA LEU A 210 -18.26 21.81 1.17
C LEU A 210 -16.82 21.61 1.63
N GLU A 211 -16.63 20.70 2.59
CA GLU A 211 -15.30 20.46 3.15
C GLU A 211 -14.38 19.88 2.07
N LEU A 212 -14.92 18.97 1.26
CA LEU A 212 -14.16 18.43 0.12
C LEU A 212 -13.72 19.55 -0.84
N GLU A 213 -14.61 20.51 -1.05
CA GLU A 213 -14.28 21.65 -1.91
C GLU A 213 -13.25 22.61 -1.35
N ASN A 214 -13.28 22.83 -0.04
CA ASN A 214 -12.25 23.58 0.66
C ASN A 214 -10.89 22.86 0.60
N LEU A 215 -10.93 21.53 0.65
CA LEU A 215 -9.70 20.76 0.51
C LEU A 215 -9.15 20.91 -0.91
N ARG A 216 -10.02 20.82 -1.90
CA ARG A 216 -9.62 21.00 -3.30
C ARG A 216 -8.94 22.35 -3.51
N SER A 217 -9.54 23.39 -2.94
CA SER A 217 -8.99 24.74 -3.06
C SER A 217 -7.58 24.87 -2.48
N LEU A 218 -7.38 24.35 -1.26
CA LEU A 218 -6.07 24.30 -0.63
C LEU A 218 -5.06 23.55 -1.51
N LEU A 219 -5.44 22.38 -2.01
CA LEU A 219 -4.50 21.54 -2.76
C LEU A 219 -4.21 22.07 -4.16
N GLU A 220 -5.17 22.78 -4.75
CA GLU A 220 -4.92 23.47 -6.02
C GLU A 220 -3.86 24.55 -5.93
N SER A 221 -3.71 25.13 -4.74
CA SER A 221 -2.67 26.14 -4.50
C SER A 221 -1.38 25.52 -3.96
N THR A 222 -1.28 24.18 -4.00
CA THR A 222 -0.13 23.49 -3.45
C THR A 222 0.58 22.71 -4.57
N PRO A 223 1.68 23.27 -5.11
CA PRO A 223 2.29 22.54 -6.23
C PRO A 223 2.85 21.20 -5.77
N SER A 224 2.61 20.18 -6.56
CA SER A 224 3.08 18.82 -6.25
C SER A 224 3.17 18.06 -7.56
N PRO A 225 4.37 17.53 -7.91
CA PRO A 225 4.48 16.88 -9.21
C PRO A 225 3.65 15.59 -9.30
N VAL A 226 3.13 15.32 -10.49
CA VAL A 226 2.36 14.11 -10.76
C VAL A 226 3.32 12.98 -11.13
N VAL A 227 3.27 11.92 -10.33
CA VAL A 227 4.20 10.79 -10.42
C VAL A 227 3.44 9.49 -10.25
N PHE A 228 4.06 8.37 -10.62
CA PHE A 228 3.48 7.08 -10.38
C PHE A 228 3.54 6.77 -8.88
N CYS A 229 2.37 6.79 -8.24
CA CYS A 229 2.29 6.66 -6.77
C CYS A 229 1.82 5.26 -6.38
N HIS A 230 2.34 4.78 -5.26
CA HIS A 230 1.91 3.51 -4.68
C HIS A 230 0.50 3.62 -4.12
N ASN A 231 0.25 4.74 -3.41
CA ASN A 231 -1.05 5.08 -2.80
C ASN A 231 -1.41 4.32 -1.52
N ASP A 232 -0.55 3.41 -1.08
CA ASP A 232 -0.86 2.58 0.10
C ASP A 232 0.43 2.16 0.82
N CYS A 233 1.33 3.11 1.06
CA CYS A 233 2.65 2.79 1.61
C CYS A 233 2.54 2.71 3.13
N GLN A 234 1.93 1.63 3.59
CA GLN A 234 1.79 1.32 5.01
C GLN A 234 2.71 0.14 5.36
N GLU A 235 2.97 -0.06 6.66
CA GLU A 235 3.80 -1.15 7.15
C GLU A 235 3.40 -2.55 6.60
N GLY A 236 2.10 -2.79 6.44
CA GLY A 236 1.63 -4.10 5.94
C GLY A 236 2.02 -4.40 4.50
N ASN A 237 2.50 -3.37 3.76
CA ASN A 237 2.92 -3.53 2.35
C ASN A 237 4.43 -3.32 2.16
N ILE A 238 5.18 -3.42 3.26
CA ILE A 238 6.64 -3.30 3.21
C ILE A 238 7.25 -4.57 3.81
N LEU A 239 8.03 -5.27 3.00
CA LEU A 239 8.72 -6.48 3.44
C LEU A 239 10.09 -6.11 4.03
N LEU A 240 10.38 -6.73 5.18
CA LEU A 240 11.71 -6.74 5.78
C LEU A 240 12.34 -8.05 5.34
N LEU A 241 13.40 -7.94 4.53
CA LEU A 241 13.92 -9.10 3.78
C LEU A 241 14.74 -9.98 4.72
N GLU A 242 14.49 -11.30 4.65
CA GLU A 242 15.08 -12.25 5.59
C GLU A 242 16.61 -12.22 5.41
N GLY A 243 17.34 -12.15 6.52
CA GLY A 243 18.81 -12.15 6.46
C GLY A 243 19.44 -10.78 6.27
N ARG A 244 18.61 -9.78 5.94
CA ARG A 244 19.04 -8.38 5.79
C ARG A 244 18.76 -7.51 7.02
N GLU A 245 18.17 -8.07 8.07
CA GLU A 245 17.61 -7.27 9.17
C GLU A 245 18.63 -6.40 9.89
N ASN A 246 19.90 -6.83 9.85
CA ASN A 246 20.99 -6.07 10.47
C ASN A 246 21.83 -5.28 9.45
N SER A 247 21.37 -5.19 8.21
CA SER A 247 22.07 -4.44 7.17
C SER A 247 21.55 -2.99 7.16
N GLU A 248 22.43 -2.01 6.96
CA GLU A 248 21.98 -0.61 7.03
C GLU A 248 21.04 -0.21 5.89
N LYS A 249 21.31 -0.71 4.69
CA LYS A 249 20.51 -0.36 3.53
C LYS A 249 20.02 -1.62 2.83
N GLN A 250 19.13 -1.42 1.86
CA GLN A 250 18.61 -2.50 1.01
C GLN A 250 18.07 -3.69 1.83
N LYS A 251 17.28 -3.40 2.85
CA LYS A 251 16.64 -4.48 3.61
C LYS A 251 15.12 -4.54 3.44
N LEU A 252 14.57 -3.68 2.58
CA LEU A 252 13.12 -3.60 2.40
C LEU A 252 12.69 -3.84 0.94
N MET A 253 11.43 -4.24 0.74
CA MET A 253 10.81 -4.19 -0.58
C MET A 253 9.38 -3.71 -0.43
N LEU A 254 8.98 -2.72 -1.24
CA LEU A 254 7.59 -2.27 -1.27
C LEU A 254 6.79 -3.23 -2.13
N ILE A 255 5.64 -3.69 -1.65
CA ILE A 255 4.83 -4.59 -2.45
C ILE A 255 3.36 -4.15 -2.46
N ASP A 256 2.53 -4.93 -3.16
CA ASP A 256 1.07 -4.74 -3.13
C ASP A 256 0.66 -3.43 -3.82
N PHE A 257 0.99 -3.38 -5.10
CA PHE A 257 0.83 -2.21 -5.95
C PHE A 257 -0.55 -2.02 -6.55
N GLU A 258 -1.54 -2.76 -6.14
CA GLU A 258 -2.78 -2.82 -6.90
C GLU A 258 -3.58 -1.53 -6.92
N TYR A 259 -3.30 -0.63 -5.93
CA TYR A 259 -3.99 0.67 -5.94
C TYR A 259 -3.18 1.80 -6.55
N SER A 260 -2.04 1.45 -7.17
CA SER A 260 -1.11 2.44 -7.69
C SER A 260 -1.72 3.19 -8.87
N SER A 261 -1.34 4.45 -9.04
CA SER A 261 -1.86 5.29 -10.13
C SER A 261 -0.97 6.53 -10.23
N TYR A 262 -1.04 7.23 -11.36
CA TYR A 262 -0.47 8.58 -11.43
C TYR A 262 -1.26 9.49 -10.53
N ASN A 263 -0.57 10.27 -9.70
CA ASN A 263 -1.21 10.98 -8.59
C ASN A 263 -0.18 12.03 -8.13
N TYR A 264 -0.63 12.94 -7.26
CA TYR A 264 0.26 13.93 -6.67
C TYR A 264 1.24 13.27 -5.73
N ARG A 265 2.52 13.55 -5.94
CA ARG A 265 3.59 13.05 -5.06
C ARG A 265 3.31 13.30 -3.57
N GLY A 266 2.77 14.48 -3.26
CA GLY A 266 2.43 14.84 -1.88
C GLY A 266 1.50 13.84 -1.21
N PHE A 267 0.54 13.33 -1.97
CA PHE A 267 -0.35 12.29 -1.45
C PHE A 267 0.40 11.04 -0.99
N ASP A 268 1.29 10.52 -1.83
CA ASP A 268 2.00 9.29 -1.47
C ASP A 268 2.82 9.48 -0.18
N ILE A 269 3.49 10.62 -0.08
CA ILE A 269 4.34 10.85 1.09
C ILE A 269 3.47 11.18 2.30
N GLY A 270 2.53 12.11 2.15
CA GLY A 270 1.56 12.44 3.21
C GLY A 270 0.85 11.21 3.76
N ASN A 271 0.44 10.32 2.86
CA ASN A 271 -0.27 9.09 3.25
C ASN A 271 0.62 8.19 4.08
N HIS A 272 1.87 8.05 3.64
CA HIS A 272 2.83 7.29 4.40
C HIS A 272 3.00 7.85 5.81
N PHE A 273 3.19 9.17 5.92
CA PHE A 273 3.30 9.82 7.23
C PHE A 273 2.08 9.54 8.13
N CYS A 274 0.89 9.58 7.54
CA CYS A 274 -0.34 9.26 8.29
C CYS A 274 -0.28 7.86 8.84
N GLU A 275 0.31 6.93 8.08
CA GLU A 275 0.37 5.52 8.50
C GLU A 275 1.22 5.25 9.75
N TRP A 276 2.05 6.22 10.15
CA TRP A 276 2.76 6.14 11.44
C TRP A 276 1.81 6.08 12.61
N MET A 277 0.61 6.62 12.42
CA MET A 277 -0.42 6.72 13.49
C MET A 277 -1.39 5.55 13.65
N TYR A 278 -1.41 4.62 12.70
CA TYR A 278 -2.44 3.56 12.67
C TYR A 278 -1.80 2.19 12.72
N ASP A 279 -2.19 1.40 13.71
CA ASP A 279 -1.73 0.04 13.89
C ASP A 279 -2.92 -0.89 13.68
N TYR A 280 -2.83 -1.75 12.67
CA TYR A 280 -3.94 -2.59 12.19
C TYR A 280 -3.84 -4.03 12.72
N SER A 281 -2.98 -4.21 13.72
CA SER A 281 -2.68 -5.55 14.24
C SER A 281 -3.36 -5.83 15.58
N TYR A 282 -4.04 -4.82 16.13
CA TYR A 282 -4.79 -4.95 17.39
C TYR A 282 -5.82 -6.08 17.29
N GLU A 283 -5.79 -7.00 18.26
CA GLU A 283 -6.52 -8.26 18.15
C GLU A 283 -7.98 -8.19 18.65
N LYS A 284 -8.31 -7.09 19.32
CA LYS A 284 -9.67 -6.85 19.84
C LYS A 284 -10.38 -5.76 19.05
N TYR A 285 -11.72 -5.75 19.07
CA TYR A 285 -12.48 -4.66 18.45
C TYR A 285 -11.99 -3.29 18.93
N PRO A 286 -11.85 -2.30 18.02
CA PRO A 286 -12.18 -2.27 16.59
C PRO A 286 -11.09 -2.77 15.63
N PHE A 287 -10.08 -3.45 16.17
CA PHE A 287 -9.05 -4.15 15.38
C PHE A 287 -8.05 -3.18 14.75
N PHE A 288 -8.02 -1.97 15.29
CA PHE A 288 -6.94 -1.02 15.01
C PHE A 288 -6.75 -0.13 16.23
N ARG A 289 -5.58 0.47 16.33
CA ARG A 289 -5.31 1.54 17.29
C ARG A 289 -4.85 2.76 16.52
N ALA A 290 -5.21 3.95 17.02
CA ALA A 290 -4.83 5.23 16.41
C ALA A 290 -4.20 6.10 17.48
N ASN A 291 -3.10 6.75 17.14
CA ASN A 291 -2.40 7.62 18.07
C ASN A 291 -1.84 8.84 17.36
N ILE A 292 -2.51 9.98 17.55
CA ILE A 292 -2.16 11.23 16.89
C ILE A 292 -0.72 11.66 17.19
N ARG A 293 -0.23 11.25 18.36
CA ARG A 293 1.09 11.68 18.84
C ARG A 293 2.23 10.95 18.14
N LYS A 294 1.89 9.94 17.33
CA LYS A 294 2.91 9.17 16.62
C LYS A 294 3.15 9.67 15.18
N TYR A 295 2.41 10.70 14.76
CA TYR A 295 2.68 11.33 13.47
C TYR A 295 4.14 11.83 13.48
N PRO A 296 4.88 11.68 12.37
CA PRO A 296 6.29 12.11 12.42
C PRO A 296 6.44 13.58 12.80
N THR A 297 7.38 13.88 13.69
CA THR A 297 7.75 15.26 13.99
C THR A 297 8.37 15.89 12.74
N LYS A 298 8.49 17.20 12.73
CA LYS A 298 9.13 17.86 11.60
C LYS A 298 10.58 17.40 11.38
N LYS A 299 11.32 17.15 12.48
CA LYS A 299 12.68 16.58 12.43
C LYS A 299 12.67 15.23 11.70
N GLN A 300 11.74 14.37 12.07
CA GLN A 300 11.61 13.05 11.40
C GLN A 300 11.23 13.17 9.93
N GLN A 301 10.34 14.10 9.61
CA GLN A 301 9.93 14.33 8.22
C GLN A 301 11.10 14.80 7.38
N LEU A 302 11.90 15.70 7.97
CA LEU A 302 13.10 16.18 7.33
C LEU A 302 14.11 15.07 7.05
N HIS A 303 14.25 14.14 7.99
CA HIS A 303 15.11 12.97 7.75
C HIS A 303 14.61 12.15 6.58
N PHE A 304 13.30 11.91 6.52
CA PHE A 304 12.69 11.18 5.41
C PHE A 304 12.92 11.93 4.08
N ILE A 305 12.58 13.21 4.02
CA ILE A 305 12.71 13.91 2.72
C ILE A 305 14.18 14.13 2.29
N SER A 306 15.09 14.18 3.27
CA SER A 306 16.52 14.24 3.00
C SER A 306 17.05 12.99 2.28
N SER A 307 16.40 11.85 2.53
CA SER A 307 16.71 10.64 1.77
C SER A 307 15.95 10.58 0.43
N TYR A 308 14.71 11.06 0.43
CA TYR A 308 13.84 11.03 -0.76
C TYR A 308 14.45 11.87 -1.90
N LEU A 309 14.80 13.11 -1.57
CA LEU A 309 15.19 14.07 -2.62
C LEU A 309 16.40 13.66 -3.48
N PRO A 310 17.52 13.24 -2.87
CA PRO A 310 18.62 12.87 -3.75
C PRO A 310 18.39 11.53 -4.48
N ALA A 311 17.46 10.72 -3.99
CA ALA A 311 17.04 9.51 -4.71
C ALA A 311 16.14 9.85 -5.91
N PHE A 312 15.40 10.96 -5.81
CA PHE A 312 14.45 11.40 -6.86
C PHE A 312 15.08 12.38 -7.86
N GLN A 313 15.99 13.23 -7.37
CA GLN A 313 16.61 14.30 -8.17
C GLN A 313 18.12 14.08 -8.03
N ASN A 314 18.72 13.52 -9.08
CA ASN A 314 20.10 12.99 -9.03
C ASN A 314 21.15 13.83 -8.28
N ASP A 315 21.36 15.04 -8.75
CA ASP A 315 22.44 15.92 -8.33
C ASP A 315 21.97 16.89 -7.24
N PHE A 316 20.87 16.55 -6.57
CA PHE A 316 20.33 17.35 -5.47
C PHE A 316 21.40 17.74 -4.43
N GLU A 317 22.26 16.80 -4.06
CA GLU A 317 23.34 17.03 -3.06
C GLU A 317 24.25 18.20 -3.46
N ASN A 318 24.36 18.45 -4.76
CA ASN A 318 25.27 19.48 -5.28
C ASN A 318 24.71 20.90 -5.26
N LEU A 319 23.44 21.05 -4.90
CA LEU A 319 22.84 22.37 -4.73
C LEU A 319 23.38 23.02 -3.45
N SER A 320 23.26 24.34 -3.36
CA SER A 320 23.64 25.05 -2.12
C SER A 320 22.79 24.62 -0.92
N THR A 321 23.36 24.75 0.29
CA THR A 321 22.62 24.41 1.52
C THR A 321 21.32 25.21 1.53
N GLU A 322 21.44 26.45 1.07
CA GLU A 322 20.34 27.39 0.94
C GLU A 322 19.19 26.88 0.03
N GLU A 323 19.52 26.43 -1.19
CA GLU A 323 18.48 25.95 -2.11
C GLU A 323 17.89 24.61 -1.64
N LYS A 324 18.74 23.75 -1.08
CA LYS A 324 18.24 22.50 -0.46
C LYS A 324 17.23 22.80 0.62
N SER A 325 17.53 23.77 1.49
CA SER A 325 16.62 24.11 2.57
CA SER A 325 16.63 24.15 2.58
C SER A 325 15.27 24.63 2.06
N ILE A 326 15.28 25.46 1.00
CA ILE A 326 14.04 25.96 0.38
C ILE A 326 13.21 24.78 -0.16
N ILE A 327 13.87 23.91 -0.91
CA ILE A 327 13.21 22.74 -1.47
C ILE A 327 12.63 21.87 -0.35
N LYS A 328 13.38 21.68 0.75
CA LYS A 328 12.86 20.90 1.91
C LYS A 328 11.66 21.57 2.59
N GLU A 329 11.77 22.87 2.87
CA GLU A 329 10.64 23.63 3.43
C GLU A 329 9.36 23.57 2.58
N GLU A 330 9.49 23.77 1.27
CA GLU A 330 8.32 23.70 0.41
C GLU A 330 7.72 22.28 0.38
N MET A 331 8.57 21.27 0.47
CA MET A 331 8.10 19.88 0.45
C MET A 331 7.37 19.53 1.75
N LEU A 332 7.87 20.04 2.87
CA LEU A 332 7.21 19.83 4.15
C LEU A 332 5.77 20.34 4.10
N LEU A 333 5.59 21.57 3.62
CA LEU A 333 4.24 22.15 3.48
C LEU A 333 3.38 21.34 2.49
N GLU A 334 3.96 20.95 1.35
CA GLU A 334 3.28 20.13 0.34
C GLU A 334 2.76 18.81 0.92
N VAL A 335 3.62 18.08 1.61
CA VAL A 335 3.24 16.73 2.06
C VAL A 335 2.27 16.79 3.23
N ASN A 336 2.42 17.80 4.07
CA ASN A 336 1.48 17.96 5.19
C ASN A 336 0.10 18.44 4.80
N ARG A 337 0.01 19.28 3.77
CA ARG A 337 -1.28 19.58 3.17
C ARG A 337 -1.93 18.36 2.51
N PHE A 338 -1.14 17.61 1.74
CA PHE A 338 -1.70 16.43 1.08
C PHE A 338 -2.09 15.30 2.06
N ALA A 339 -1.44 15.27 3.23
CA ALA A 339 -1.80 14.34 4.31
C ALA A 339 -3.28 14.49 4.67
N LEU A 340 -3.81 15.72 4.57
CA LEU A 340 -5.26 15.93 4.78
C LEU A 340 -6.11 15.10 3.83
N ALA A 341 -5.65 14.97 2.59
CA ALA A 341 -6.37 14.13 1.61
C ALA A 341 -6.30 12.62 1.91
N SER A 342 -5.22 12.18 2.52
CA SER A 342 -5.16 10.79 3.02
C SER A 342 -6.29 10.55 4.07
N HIS A 343 -6.41 11.46 5.03
CA HIS A 343 -7.49 11.34 6.03
C HIS A 343 -8.85 11.37 5.38
N PHE A 344 -9.08 12.33 4.49
CA PHE A 344 -10.42 12.52 3.91
C PHE A 344 -10.76 11.31 3.01
N LEU A 345 -9.84 10.94 2.13
CA LEU A 345 -10.09 9.80 1.25
C LEU A 345 -10.32 8.48 2.01
N TRP A 346 -9.42 8.11 2.91
CA TRP A 346 -9.57 6.83 3.62
C TRP A 346 -10.70 6.84 4.63
N GLY A 347 -11.02 8.03 5.16
CA GLY A 347 -12.21 8.19 6.00
C GLY A 347 -13.47 7.83 5.22
N LEU A 348 -13.60 8.36 4.02
CA LEU A 348 -14.77 8.04 3.16
C LEU A 348 -14.75 6.56 2.76
N TRP A 349 -13.57 6.11 2.32
CA TRP A 349 -13.37 4.71 1.97
C TRP A 349 -13.89 3.77 3.02
N SER A 350 -13.61 4.07 4.28
CA SER A 350 -13.95 3.21 5.41
C SER A 350 -15.44 3.20 5.66
N ILE A 351 -16.09 4.36 5.48
CA ILE A 351 -17.54 4.38 5.54
C ILE A 351 -18.14 3.45 4.48
N VAL A 352 -17.65 3.54 3.24
CA VAL A 352 -18.07 2.64 2.16
C VAL A 352 -17.91 1.14 2.55
N GLN A 353 -16.76 0.80 3.15
CA GLN A 353 -16.53 -0.58 3.61
C GLN A 353 -17.49 -1.03 4.71
N ALA A 354 -17.83 -0.12 5.62
CA ALA A 354 -18.90 -0.43 6.58
C ALA A 354 -20.18 -0.91 5.87
N LYS A 355 -20.51 -0.29 4.73
CA LYS A 355 -21.71 -0.69 3.98
C LYS A 355 -21.53 -2.00 3.20
N ILE A 356 -20.40 -2.14 2.50
CA ILE A 356 -20.25 -3.21 1.50
C ILE A 356 -19.32 -4.38 1.87
N SER A 357 -18.49 -4.23 2.89
CA SER A 357 -17.42 -5.21 3.13
C SER A 357 -17.96 -6.49 3.76
N SER A 358 -17.31 -7.61 3.46
CA SER A 358 -17.60 -8.88 4.14
C SER A 358 -16.50 -9.21 5.16
N ILE A 359 -15.52 -8.31 5.30
CA ILE A 359 -14.43 -8.48 6.28
C ILE A 359 -14.77 -7.80 7.61
N GLU A 360 -14.43 -8.45 8.72
CA GLU A 360 -14.60 -7.88 10.04
C GLU A 360 -13.53 -6.82 10.33
N PHE A 361 -13.97 -5.64 10.77
CA PHE A 361 -13.12 -4.48 11.12
C PHE A 361 -14.04 -3.37 11.61
N GLY A 362 -13.57 -2.54 12.54
CA GLY A 362 -14.35 -1.39 13.01
C GLY A 362 -14.30 -0.22 12.04
N TYR A 363 -14.95 -0.37 10.88
CA TYR A 363 -14.86 0.64 9.81
C TYR A 363 -15.41 2.02 10.20
N MET A 364 -16.51 2.06 10.94
CA MET A 364 -17.07 3.36 11.31
C MET A 364 -16.19 4.10 12.34
N ASP A 365 -15.62 3.36 13.29
CA ASP A 365 -14.70 3.94 14.24
C ASP A 365 -13.41 4.40 13.57
N TYR A 366 -12.94 3.63 12.59
CA TYR A 366 -11.76 4.04 11.81
C TYR A 366 -12.02 5.32 11.03
N ALA A 367 -13.16 5.39 10.35
CA ALA A 367 -13.62 6.60 9.70
C ALA A 367 -13.58 7.81 10.64
N GLN A 368 -14.13 7.64 11.85
CA GLN A 368 -14.16 8.76 12.80
C GLN A 368 -12.74 9.17 13.19
N ALA A 369 -11.87 8.18 13.36
CA ALA A 369 -10.48 8.46 13.66
C ALA A 369 -9.78 9.27 12.54
N ARG A 370 -9.99 8.90 11.29
CA ARG A 370 -9.43 9.68 10.19
C ARG A 370 -9.98 11.11 10.14
N PHE A 371 -11.29 11.29 10.31
CA PHE A 371 -11.83 12.67 10.29
C PHE A 371 -11.39 13.48 11.52
N ASP A 372 -11.24 12.82 12.68
CA ASP A 372 -10.69 13.53 13.86
C ASP A 372 -9.26 14.03 13.55
N ALA A 373 -8.44 13.16 12.98
CA ALA A 373 -7.08 13.53 12.54
C ALA A 373 -7.08 14.63 11.46
N TYR A 374 -8.06 14.59 10.56
CA TYR A 374 -8.20 15.60 9.52
C TYR A 374 -8.35 16.99 10.13
N PHE A 375 -9.26 17.10 11.11
CA PHE A 375 -9.52 18.43 11.69
C PHE A 375 -8.39 18.92 12.59
N HIS A 376 -7.76 17.97 13.30
CA HIS A 376 -6.60 18.25 14.15
C HIS A 376 -5.46 18.79 13.32
N GLN A 377 -5.18 18.12 12.21
CA GLN A 377 -4.14 18.55 11.25
C GLN A 377 -4.46 19.91 10.63
N LYS A 378 -5.71 20.08 10.22
CA LYS A 378 -6.16 21.33 9.63
C LYS A 378 -5.91 22.50 10.58
N ARG A 379 -6.25 22.31 11.86
CA ARG A 379 -6.02 23.29 12.93
C ARG A 379 -4.54 23.65 13.07
N LYS A 380 -3.68 22.63 13.09
CA LYS A 380 -2.23 22.83 13.24
C LYS A 380 -1.65 23.55 12.02
N LEU A 381 -2.21 23.29 10.85
CA LEU A 381 -1.80 23.98 9.63
C LEU A 381 -2.29 25.44 9.60
N GLY A 382 -3.34 25.74 10.36
CA GLY A 382 -3.98 27.05 10.32
C GLY A 382 -4.84 27.20 9.08
N VAL A 383 -5.30 26.05 8.58
CA VAL A 383 -6.12 25.96 7.38
C VAL A 383 -7.50 25.45 7.80
#